data_1J59
#
_entry.id   1J59
#
_cell.length_a   136.990
_cell.length_b   152.800
_cell.length_c   76.060
_cell.angle_alpha   90.00
_cell.angle_beta   90.00
_cell.angle_gamma   90.00
#
_symmetry.space_group_name_H-M   'C 2 2 21'
#
loop_
_entity.id
_entity.type
_entity.pdbx_description
1 polymer "5'-D(*GP*CP*GP*AP*AP*AP*AP*GP*TP*GP*TP*GP*AP*C)-3'"
2 polymer "5'-D(*AP*TP*AP*TP*GP*TP*CP*AP*CP*AP*CP*TP*TP*TP*TP*CP*G )-3'"
3 polymer 'CATABOLITE GENE ACTIVATOR PROTEIN (CAP)'
4 non-polymer "ADENOSINE-3',5'-CYCLIC-MONOPHOSPHATE"
5 water water
#
loop_
_entity_poly.entity_id
_entity_poly.type
_entity_poly.pdbx_seq_one_letter_code
_entity_poly.pdbx_strand_id
1 'polydeoxyribonucleotide' (DG)(DC)(DG)(DA)(DA)(DA)(DA)(DG)(DT)(DG)(DT)(DG)(DA)(DC) C,E
2 'polydeoxyribonucleotide' (DA)(DT)(DA)(DT)(DG)(DT)(DC)(DA)(DC)(DA)(DC)(DT)(DT)(DT)(DT)(DC)(DG) D,F
3 'polypeptide(L)'
;VLGKPQTDPTLEWFLSHCHIHKYPSKSTLIHQGEKAETLYYIVKGSVAVLIKDEEGKEMILSYLNQGDFIGELGLFEEGQ
ERSAWVRAKTACEVAEISYKKFRQLIQVNPDILMRLSAQMARRLQVTSEKVGNLAFLDVTGRIAQTLLNLAKQPDAMTHP
DGMQIKITRQEIGQIVGCSRETVGRILKMLEDQNLISAHGKTIVVYGTR
;
A,B
#
loop_
_chem_comp.id
_chem_comp.type
_chem_comp.name
_chem_comp.formula
CMP non-polymer ADENOSINE-3',5'-CYCLIC-MONOPHOSPHATE 'C10 H12 N5 O6 P'
DA DNA linking 2'-DEOXYADENOSINE-5'-MONOPHOSPHATE 'C10 H14 N5 O6 P'
DC DNA linking 2'-DEOXYCYTIDINE-5'-MONOPHOSPHATE 'C9 H14 N3 O7 P'
DG DNA linking 2'-DEOXYGUANOSINE-5'-MONOPHOSPHATE 'C10 H14 N5 O7 P'
DT DNA linking THYMIDINE-5'-MONOPHOSPHATE 'C10 H15 N2 O8 P'
#
# COMPACT_ATOMS: atom_id res chain seq x y z
N PRO E 9 -0.87 -24.22 -18.50
CA PRO E 9 -1.48 -23.39 -17.43
C PRO E 9 -2.63 -22.55 -17.98
N THR E 10 -3.52 -22.07 -17.11
CA THR E 10 -4.65 -21.31 -17.59
C THR E 10 -4.38 -19.83 -17.74
N LEU E 11 -3.13 -19.39 -17.54
CA LEU E 11 -2.86 -17.99 -17.78
C LEU E 11 -3.09 -17.83 -19.26
N GLU E 12 -2.68 -18.84 -20.02
CA GLU E 12 -2.86 -18.81 -21.47
C GLU E 12 -4.35 -18.87 -21.75
N TRP E 13 -5.07 -19.67 -20.95
CA TRP E 13 -6.53 -19.77 -21.09
C TRP E 13 -7.03 -18.31 -21.09
N PHE E 14 -6.46 -17.57 -20.15
CA PHE E 14 -6.69 -16.15 -19.96
C PHE E 14 -6.31 -15.33 -21.24
N LEU E 15 -5.02 -15.20 -21.57
CA LEU E 15 -4.61 -14.42 -22.74
C LEU E 15 -5.43 -14.81 -23.99
N SER E 16 -5.69 -16.08 -24.18
CA SER E 16 -6.45 -16.47 -25.35
C SER E 16 -7.86 -15.84 -25.36
N HIS E 17 -8.23 -15.15 -24.27
CA HIS E 17 -9.51 -14.44 -24.04
C HIS E 17 -9.26 -12.92 -24.06
N CYS E 18 -7.99 -12.61 -23.97
CA CYS E 18 -7.52 -11.25 -23.94
C CYS E 18 -7.19 -10.75 -25.31
N HIS E 19 -6.80 -9.48 -25.32
CA HIS E 19 -6.39 -8.80 -26.53
C HIS E 19 -5.22 -7.86 -26.23
N ILE E 20 -4.10 -8.28 -26.80
CA ILE E 20 -2.81 -7.61 -26.70
C ILE E 20 -2.85 -6.18 -27.26
N HIS E 21 -1.78 -5.43 -27.00
CA HIS E 21 -1.52 -4.07 -27.49
C HIS E 21 -0.06 -3.73 -27.25
N LYS E 22 0.59 -3.25 -28.31
CA LYS E 22 2.00 -2.86 -28.32
C LYS E 22 2.11 -1.36 -28.00
N TYR E 23 2.92 -1.04 -26.99
CA TYR E 23 3.18 0.33 -26.57
C TYR E 23 4.64 0.67 -26.71
N PRO E 24 5.00 1.94 -26.81
CA PRO E 24 6.39 2.35 -26.83
C PRO E 24 6.80 3.00 -25.50
N SER E 25 8.10 3.18 -25.29
CA SER E 25 8.64 3.81 -24.07
C SER E 25 7.91 5.08 -23.71
N LYS E 26 8.01 5.46 -22.45
CA LYS E 26 7.48 6.71 -21.92
C LYS E 26 5.99 6.93 -22.17
N SER E 27 5.29 6.00 -22.82
CA SER E 27 3.86 6.23 -23.07
C SER E 27 3.00 5.86 -21.86
N THR E 28 2.19 6.82 -21.41
CA THR E 28 1.30 6.68 -20.26
C THR E 28 0.07 5.79 -20.50
N LEU E 29 0.22 4.49 -20.22
CA LEU E 29 -0.80 3.47 -20.40
C LEU E 29 -2.12 3.70 -19.65
N ILE E 30 -2.14 4.37 -18.47
CA ILE E 30 -3.38 4.67 -17.66
C ILE E 30 -3.28 6.10 -17.11
N HIS E 31 -4.32 6.82 -16.67
CA HIS E 31 -4.10 8.22 -16.16
C HIS E 31 -4.95 8.51 -14.95
N GLN E 32 -4.46 9.24 -13.95
CA GLN E 32 -5.15 9.38 -12.63
C GLN E 32 -6.44 10.25 -12.68
N GLY E 33 -7.54 9.66 -13.14
CA GLY E 33 -8.86 10.33 -13.12
C GLY E 33 -9.96 9.57 -13.86
N GLU E 34 -9.53 8.88 -14.92
CA GLU E 34 -10.41 8.17 -15.81
C GLU E 34 -11.04 7.00 -15.16
N LYS E 35 -12.11 6.47 -15.77
CA LYS E 35 -12.86 5.36 -15.19
C LYS E 35 -12.22 4.00 -15.41
N ALA E 36 -12.13 3.21 -14.33
CA ALA E 36 -11.55 1.87 -14.40
C ALA E 36 -12.61 0.90 -14.92
N GLU E 37 -12.26 0.09 -15.93
CA GLU E 37 -13.19 -0.83 -16.61
C GLU E 37 -12.47 -1.96 -17.37
N THR E 38 -11.15 -1.85 -17.51
CA THR E 38 -10.24 -2.82 -18.17
C THR E 38 -9.18 -3.18 -17.12
N LEU E 39 -8.56 -4.33 -17.27
CA LEU E 39 -7.59 -4.85 -16.35
C LEU E 39 -6.49 -5.32 -17.20
N TYR E 40 -5.38 -4.60 -17.23
CA TYR E 40 -4.25 -4.96 -18.10
C TYR E 40 -3.45 -6.12 -17.53
N TYR E 41 -2.52 -6.58 -18.36
CA TYR E 41 -1.64 -7.67 -18.04
C TYR E 41 -0.37 -7.44 -18.89
N ILE E 42 0.81 -7.35 -18.27
CA ILE E 42 2.07 -7.03 -18.97
C ILE E 42 2.79 -8.20 -19.69
N VAL E 43 2.49 -8.38 -20.97
CA VAL E 43 3.07 -9.47 -21.74
C VAL E 43 4.56 -9.32 -21.73
N LYS E 44 5.06 -8.27 -22.39
CA LYS E 44 6.50 -7.97 -22.46
C LYS E 44 6.73 -6.54 -22.05
N GLY E 45 7.72 -6.29 -21.18
CA GLY E 45 8.09 -4.95 -20.77
C GLY E 45 7.96 -4.61 -19.29
N SER E 46 8.24 -3.35 -18.98
CA SER E 46 8.15 -2.78 -17.64
C SER E 46 7.42 -1.44 -17.75
N VAL E 47 6.70 -1.10 -16.69
CA VAL E 47 5.91 0.09 -16.63
C VAL E 47 6.12 0.75 -15.27
N ALA E 48 5.80 2.02 -15.08
CA ALA E 48 6.01 2.60 -13.76
C ALA E 48 4.71 3.21 -13.21
N VAL E 49 4.42 3.02 -11.93
CA VAL E 49 3.21 3.57 -11.36
C VAL E 49 3.65 4.77 -10.60
N LEU E 50 2.99 5.90 -10.79
CA LEU E 50 3.33 7.14 -10.07
C LEU E 50 2.09 8.05 -9.97
N ILE E 51 2.11 8.92 -8.99
CA ILE E 51 1.05 9.87 -8.74
C ILE E 51 1.67 11.25 -8.94
N LYS E 52 0.96 12.32 -8.63
CA LYS E 52 1.56 13.64 -8.82
C LYS E 52 1.20 14.56 -7.71
N ASP E 53 2.08 15.54 -7.57
CA ASP E 53 1.98 16.63 -6.63
C ASP E 53 1.01 17.64 -7.20
N GLU E 54 0.43 18.47 -6.35
CA GLU E 54 -0.57 19.43 -6.78
C GLU E 54 -0.14 20.27 -8.00
N GLU E 55 1.17 20.22 -8.30
CA GLU E 55 1.73 20.94 -9.43
C GLU E 55 2.65 20.10 -10.34
N GLY E 56 2.62 18.78 -10.25
CA GLY E 56 3.43 18.06 -11.18
C GLY E 56 4.54 17.25 -10.59
N LYS E 57 5.05 17.55 -9.41
CA LYS E 57 6.10 16.70 -8.89
C LYS E 57 5.57 15.28 -8.82
N GLU E 58 6.25 14.39 -9.51
CA GLU E 58 5.91 13.01 -9.49
C GLU E 58 6.53 12.38 -8.24
N MET E 59 6.08 11.17 -7.91
CA MET E 59 6.50 10.34 -6.79
C MET E 59 6.24 8.95 -7.33
N ILE E 60 7.24 8.30 -7.93
CA ILE E 60 6.99 6.95 -8.39
C ILE E 60 6.60 6.00 -7.23
N LEU E 61 5.47 5.31 -7.34
CA LEU E 61 5.02 4.37 -6.30
C LEU E 61 5.67 3.02 -6.38
N SER E 62 5.82 2.49 -7.61
CA SER E 62 6.43 1.18 -7.91
C SER E 62 6.62 0.98 -9.42
N TYR E 63 7.53 0.10 -9.83
CA TYR E 63 7.61 -0.23 -11.26
C TYR E 63 6.90 -1.56 -11.35
N LEU E 64 6.36 -1.89 -12.52
CA LEU E 64 5.62 -3.14 -12.68
C LEU E 64 6.22 -3.85 -13.88
N ASN E 65 6.61 -5.12 -13.74
CA ASN E 65 7.29 -5.86 -14.83
C ASN E 65 6.40 -6.89 -15.57
N GLN E 66 6.98 -7.65 -16.52
CA GLN E 66 6.14 -8.57 -17.27
C GLN E 66 5.63 -9.64 -16.38
N GLY E 67 4.38 -9.98 -16.60
CA GLY E 67 3.79 -10.98 -15.77
C GLY E 67 3.15 -10.28 -14.62
N ASP E 68 2.77 -9.01 -14.79
CA ASP E 68 2.06 -8.31 -13.71
C ASP E 68 0.68 -7.89 -14.21
N PHE E 69 -0.31 -7.71 -13.33
CA PHE E 69 -1.62 -7.22 -13.77
C PHE E 69 -1.68 -5.70 -13.55
N ILE E 70 -2.39 -4.93 -14.37
CA ILE E 70 -2.46 -3.47 -14.14
C ILE E 70 -3.89 -2.95 -14.07
N GLY E 71 -4.15 -2.01 -13.15
CA GLY E 71 -5.48 -1.46 -13.05
C GLY E 71 -6.45 -2.49 -12.51
N GLU E 72 -6.07 -3.22 -11.46
CA GLU E 72 -6.98 -4.20 -10.93
C GLU E 72 -7.77 -3.61 -9.78
N LEU E 73 -7.62 -2.34 -9.48
CA LEU E 73 -8.37 -1.80 -8.32
C LEU E 73 -9.82 -1.43 -8.60
N GLY E 74 -10.28 -1.54 -9.84
CA GLY E 74 -11.66 -1.21 -10.15
C GLY E 74 -12.51 -2.45 -10.17
N LEU E 75 -11.84 -3.55 -10.49
CA LEU E 75 -12.40 -4.88 -10.60
C LEU E 75 -13.38 -5.28 -9.51
N PHE E 76 -13.41 -4.60 -8.36
CA PHE E 76 -14.26 -5.00 -7.25
C PHE E 76 -15.25 -3.93 -6.81
N GLU E 77 -15.65 -3.03 -7.70
CA GLU E 77 -16.62 -2.02 -7.33
C GLU E 77 -16.93 -1.24 -8.57
N GLU E 78 -18.02 -0.48 -8.59
CA GLU E 78 -18.38 0.21 -9.82
C GLU E 78 -17.98 1.67 -9.86
N GLY E 79 -17.73 2.16 -11.09
CA GLY E 79 -17.42 3.57 -11.35
C GLY E 79 -16.31 4.22 -10.53
N GLN E 80 -15.22 3.48 -10.32
CA GLN E 80 -14.11 4.07 -9.61
C GLN E 80 -13.12 4.54 -10.67
N GLU E 81 -12.45 5.66 -10.38
CA GLU E 81 -11.46 6.20 -11.31
C GLU E 81 -10.17 5.35 -11.32
N ARG E 82 -9.22 5.67 -12.21
CA ARG E 82 -7.92 4.99 -12.26
C ARG E 82 -7.11 5.79 -11.23
N SER E 83 -6.44 5.14 -10.28
CA SER E 83 -5.80 5.89 -9.18
C SER E 83 -4.39 6.43 -9.32
N ALA E 84 -3.68 6.14 -10.39
CA ALA E 84 -2.29 6.64 -10.53
C ALA E 84 -1.94 6.69 -11.98
N TRP E 85 -0.66 6.81 -12.25
CA TRP E 85 -0.25 6.81 -13.62
C TRP E 85 0.65 5.63 -13.90
N VAL E 86 0.77 5.28 -15.14
CA VAL E 86 1.52 4.15 -15.52
C VAL E 86 2.01 4.43 -16.94
N ARG E 87 3.32 4.53 -17.07
CA ARG E 87 4.02 4.83 -18.31
C ARG E 87 4.99 3.71 -18.64
N ALA E 88 5.02 3.26 -19.88
CA ALA E 88 5.93 2.18 -20.26
C ALA E 88 7.35 2.62 -20.03
N LYS E 89 8.09 1.86 -19.23
CA LYS E 89 9.49 2.19 -18.96
C LYS E 89 10.31 1.75 -20.19
N THR E 90 9.75 0.73 -20.84
CA THR E 90 10.26 0.14 -22.07
C THR E 90 9.05 -0.18 -22.92
N ALA E 91 9.25 -0.91 -24.01
CA ALA E 91 8.13 -1.24 -24.85
C ALA E 91 7.24 -2.25 -24.15
N CYS E 92 5.94 -2.24 -24.39
CA CYS E 92 5.16 -3.23 -23.68
C CYS E 92 3.97 -3.84 -24.39
N GLU E 93 4.02 -5.15 -24.63
CA GLU E 93 2.83 -5.82 -25.13
C GLU E 93 1.97 -5.96 -23.87
N VAL E 94 0.82 -5.32 -23.84
CA VAL E 94 -0.03 -5.29 -22.67
C VAL E 94 -1.40 -5.83 -23.03
N ALA E 95 -1.68 -7.06 -22.60
CA ALA E 95 -2.97 -7.70 -22.87
C ALA E 95 -4.11 -7.00 -22.18
N GLU E 96 -5.29 -7.18 -22.75
CA GLU E 96 -6.47 -6.64 -22.16
C GLU E 96 -7.70 -7.51 -22.33
N ILE E 97 -8.49 -7.44 -21.26
CA ILE E 97 -9.83 -7.95 -21.06
C ILE E 97 -10.69 -6.82 -20.58
N SER E 98 -11.92 -7.06 -20.15
CA SER E 98 -12.65 -5.93 -19.60
C SER E 98 -13.11 -6.40 -18.24
N TYR E 99 -13.62 -5.53 -17.41
CA TYR E 99 -13.96 -6.01 -16.09
C TYR E 99 -14.92 -7.20 -16.11
N LYS E 100 -16.01 -7.03 -16.85
CA LYS E 100 -17.04 -8.06 -16.88
C LYS E 100 -16.57 -9.34 -17.52
N LYS E 101 -15.88 -9.28 -18.65
CA LYS E 101 -15.51 -10.56 -19.20
C LYS E 101 -14.59 -11.27 -18.23
N PHE E 102 -13.85 -10.48 -17.45
CA PHE E 102 -12.97 -11.04 -16.44
C PHE E 102 -13.78 -11.76 -15.36
N ARG E 103 -14.77 -11.09 -14.75
CA ARG E 103 -15.59 -11.76 -13.72
C ARG E 103 -16.23 -13.04 -14.31
N GLN E 104 -16.64 -12.95 -15.58
CA GLN E 104 -17.21 -14.07 -16.30
C GLN E 104 -16.12 -15.11 -16.43
N LEU E 105 -14.89 -14.64 -16.50
CA LEU E 105 -13.73 -15.50 -16.58
C LEU E 105 -13.34 -16.05 -15.23
N ILE E 106 -13.96 -15.52 -14.16
CA ILE E 106 -13.65 -15.98 -12.79
C ILE E 106 -14.53 -17.13 -12.29
N GLN E 107 -15.86 -16.96 -12.35
CA GLN E 107 -16.83 -17.95 -11.88
C GLN E 107 -16.67 -19.30 -12.61
N VAL E 108 -15.69 -19.37 -13.51
CA VAL E 108 -15.51 -20.55 -14.33
C VAL E 108 -14.19 -21.17 -13.79
N ASN E 109 -13.00 -20.62 -14.05
CA ASN E 109 -11.70 -21.10 -13.44
C ASN E 109 -11.18 -20.15 -12.37
N PRO E 110 -11.46 -20.42 -11.10
CA PRO E 110 -11.12 -19.49 -10.02
C PRO E 110 -9.62 -19.14 -9.93
N ASP E 111 -8.78 -19.89 -10.62
CA ASP E 111 -7.35 -19.73 -10.51
C ASP E 111 -6.85 -18.30 -10.63
N ILE E 112 -7.13 -17.58 -11.73
CA ILE E 112 -6.58 -16.23 -11.90
C ILE E 112 -7.13 -15.20 -10.93
N LEU E 113 -8.29 -15.41 -10.31
CA LEU E 113 -8.65 -14.42 -9.32
C LEU E 113 -7.56 -14.56 -8.29
N MET E 114 -7.18 -15.82 -8.05
CA MET E 114 -6.12 -16.08 -7.10
C MET E 114 -4.85 -15.49 -7.56
N ARG E 115 -4.44 -15.68 -8.82
CA ARG E 115 -3.15 -15.10 -9.24
C ARG E 115 -3.15 -13.58 -9.20
N LEU E 116 -4.29 -12.94 -9.33
CA LEU E 116 -4.29 -11.49 -9.23
C LEU E 116 -4.16 -11.09 -7.74
N SER E 117 -5.06 -11.57 -6.90
CA SER E 117 -5.05 -11.26 -5.45
C SER E 117 -3.68 -11.42 -4.81
N ALA E 118 -2.94 -12.41 -5.27
CA ALA E 118 -1.63 -12.62 -4.72
C ALA E 118 -0.74 -11.40 -4.94
N GLN E 119 -0.74 -10.87 -6.18
CA GLN E 119 0.09 -9.70 -6.54
C GLN E 119 -0.31 -8.49 -5.75
N MET E 120 -1.60 -8.40 -5.42
CA MET E 120 -2.10 -7.28 -4.63
C MET E 120 -1.73 -7.46 -3.18
N ALA E 121 -1.29 -8.64 -2.80
CA ALA E 121 -0.87 -8.86 -1.41
C ALA E 121 0.55 -8.31 -1.27
N ARG E 122 1.42 -8.69 -2.19
CA ARG E 122 2.78 -8.17 -2.19
C ARG E 122 2.72 -6.65 -2.16
N ARG E 123 2.01 -6.08 -3.13
CA ARG E 123 1.97 -4.62 -3.24
C ARG E 123 1.63 -3.92 -1.96
N LEU E 124 0.78 -4.48 -1.14
CA LEU E 124 0.44 -3.74 0.04
C LEU E 124 1.59 -3.91 1.00
N GLN E 125 2.34 -5.01 0.85
CA GLN E 125 3.48 -5.17 1.76
C GLN E 125 4.52 -4.18 1.33
N VAL E 126 4.84 -4.17 0.05
CA VAL E 126 5.85 -3.27 -0.37
C VAL E 126 5.48 -1.82 -0.08
N THR E 127 4.24 -1.45 -0.33
CA THR E 127 3.83 -0.11 -0.13
C THR E 127 3.80 0.25 1.28
N SER E 128 3.56 -0.72 2.15
CA SER E 128 3.53 -0.46 3.60
C SER E 128 4.91 -0.13 4.09
N GLU E 129 5.89 -0.83 3.51
CA GLU E 129 7.29 -0.67 3.79
C GLU E 129 7.68 0.75 3.38
N LYS E 130 7.32 1.12 2.14
CA LYS E 130 7.63 2.47 1.65
C LYS E 130 7.15 3.52 2.58
N VAL E 131 5.99 3.32 3.20
CA VAL E 131 5.51 4.31 4.16
C VAL E 131 6.29 4.15 5.47
N GLY E 132 6.96 3.02 5.64
CA GLY E 132 7.81 2.91 6.80
C GLY E 132 9.05 3.77 6.50
N ASN E 133 9.68 3.49 5.36
CA ASN E 133 10.86 4.24 4.94
C ASN E 133 10.64 5.76 4.94
N LEU E 134 9.57 6.27 4.34
CA LEU E 134 9.36 7.72 4.33
C LEU E 134 9.23 8.26 5.70
N ALA E 135 8.55 7.54 6.56
CA ALA E 135 8.35 8.02 7.91
C ALA E 135 9.53 7.80 8.88
N PHE E 136 10.35 6.76 8.66
CA PHE E 136 11.44 6.52 9.60
C PHE E 136 12.84 6.89 9.13
N LEU E 137 13.22 6.54 7.91
CA LEU E 137 14.58 6.80 7.39
C LEU E 137 14.85 8.23 6.97
N ASP E 138 16.13 8.61 6.98
CA ASP E 138 16.50 9.92 6.43
C ASP E 138 16.95 9.64 5.00
N VAL E 139 17.15 10.68 4.23
CA VAL E 139 17.48 10.50 2.82
C VAL E 139 18.58 9.47 2.54
N THR E 140 19.76 9.56 3.13
CA THR E 140 20.75 8.56 2.78
C THR E 140 20.16 7.19 3.10
N GLY E 141 19.41 7.10 4.18
CA GLY E 141 18.74 5.86 4.49
C GLY E 141 17.90 5.45 3.32
N ARG E 142 16.82 6.17 3.06
CA ARG E 142 15.96 5.86 1.92
C ARG E 142 16.75 5.68 0.58
N ILE E 143 17.80 6.43 0.28
CA ILE E 143 18.50 6.20 -0.99
C ILE E 143 19.29 4.87 -1.00
N ALA E 144 19.87 4.49 0.12
CA ALA E 144 20.61 3.20 0.18
C ALA E 144 19.67 2.03 -0.09
N GLN E 145 18.51 2.10 0.56
CA GLN E 145 17.43 1.11 0.49
C GLN E 145 16.90 1.03 -0.95
N THR E 146 16.59 2.16 -1.58
CA THR E 146 16.15 2.18 -2.98
C THR E 146 17.18 1.39 -3.80
N LEU E 147 18.45 1.67 -3.55
CA LEU E 147 19.54 0.98 -4.25
C LEU E 147 19.63 -0.54 -3.92
N LEU E 148 19.33 -0.93 -2.67
CA LEU E 148 19.25 -2.35 -2.29
C LEU E 148 18.12 -3.00 -3.12
N ASN E 149 16.96 -2.38 -3.13
CA ASN E 149 15.81 -2.83 -3.94
C ASN E 149 16.10 -2.90 -5.49
N LEU E 150 16.51 -1.80 -6.15
CA LEU E 150 16.63 -1.81 -7.62
C LEU E 150 17.74 -2.74 -8.04
N ALA E 151 18.72 -2.88 -7.13
CA ALA E 151 19.83 -3.75 -7.42
C ALA E 151 19.17 -5.10 -7.59
N LYS E 152 18.13 -5.34 -6.79
CA LYS E 152 17.31 -6.57 -6.76
C LYS E 152 16.23 -6.71 -7.83
N GLN E 153 15.87 -5.63 -8.51
CA GLN E 153 14.83 -5.77 -9.53
C GLN E 153 15.21 -6.73 -10.64
N PRO E 154 14.26 -7.06 -11.54
CA PRO E 154 14.36 -7.75 -12.84
C PRO E 154 15.16 -7.03 -13.91
N ASP E 155 15.25 -5.72 -13.88
CA ASP E 155 16.01 -5.01 -14.91
C ASP E 155 17.39 -4.65 -14.45
N ALA E 156 18.19 -5.61 -13.99
CA ALA E 156 19.52 -5.28 -13.50
C ALA E 156 20.61 -6.21 -14.05
N MET E 157 21.52 -5.62 -14.85
CA MET E 157 22.61 -6.33 -15.53
C MET E 157 23.60 -6.85 -14.49
N THR E 158 24.25 -7.96 -14.80
CA THR E 158 25.18 -8.49 -13.84
C THR E 158 26.47 -7.71 -14.02
N HIS E 159 27.24 -7.59 -12.94
CA HIS E 159 28.54 -6.90 -12.92
C HIS E 159 29.45 -7.74 -12.04
N PRO E 160 30.76 -7.91 -12.39
CA PRO E 160 31.69 -8.80 -11.69
C PRO E 160 31.46 -8.71 -10.19
N ASP E 161 31.61 -7.49 -9.72
CA ASP E 161 31.32 -7.15 -8.36
C ASP E 161 30.10 -6.23 -8.43
N GLY E 162 29.10 -6.49 -7.58
CA GLY E 162 27.86 -5.73 -7.47
C GLY E 162 26.91 -5.84 -8.65
N MET E 163 25.77 -5.18 -8.50
CA MET E 163 24.76 -5.13 -9.55
C MET E 163 24.73 -3.77 -10.20
N GLN E 164 24.69 -3.82 -11.53
CA GLN E 164 24.63 -2.63 -12.34
C GLN E 164 23.18 -2.28 -12.56
N ILE E 165 22.81 -1.26 -11.82
CA ILE E 165 21.55 -0.57 -11.91
C ILE E 165 21.67 0.52 -12.96
N LYS E 166 20.65 0.84 -13.72
CA LYS E 166 20.85 1.92 -14.66
C LYS E 166 19.86 2.93 -14.28
N ILE E 167 20.30 4.12 -13.92
CA ILE E 167 19.30 5.05 -13.48
C ILE E 167 19.81 6.48 -13.36
N THR E 168 18.80 7.33 -13.49
CA THR E 168 18.76 8.75 -13.43
C THR E 168 18.60 9.26 -12.03
N ARG E 169 19.59 9.98 -11.53
CA ARG E 169 19.51 10.59 -10.20
C ARG E 169 18.21 11.34 -10.05
N GLN E 170 17.61 11.76 -11.15
CA GLN E 170 16.37 12.51 -11.03
C GLN E 170 15.32 11.53 -10.58
N GLU E 171 15.37 10.32 -11.14
CA GLU E 171 14.45 9.23 -10.77
C GLU E 171 14.51 8.86 -9.28
N ILE E 172 15.73 8.57 -8.78
CA ILE E 172 15.93 8.27 -7.37
C ILE E 172 15.31 9.39 -6.55
N GLY E 173 15.50 10.65 -6.97
CA GLY E 173 14.89 11.74 -6.23
C GLY E 173 13.36 11.57 -6.19
N GLN E 174 12.76 11.00 -7.23
CA GLN E 174 11.29 10.82 -7.30
C GLN E 174 10.78 9.65 -6.44
N ILE E 175 11.39 8.50 -6.65
CA ILE E 175 11.20 7.31 -5.86
C ILE E 175 11.23 7.60 -4.37
N VAL E 176 12.25 8.35 -3.96
CA VAL E 176 12.62 8.66 -2.56
C VAL E 176 12.04 9.86 -1.91
N GLY E 177 11.59 10.82 -2.68
CA GLY E 177 11.03 11.97 -2.01
C GLY E 177 12.07 13.02 -1.67
N CYS E 178 13.07 13.17 -2.49
CA CYS E 178 14.01 14.26 -2.19
C CYS E 178 14.28 14.92 -3.55
N SER E 179 14.97 16.06 -3.59
CA SER E 179 15.27 16.77 -4.81
C SER E 179 16.48 16.16 -5.46
N ARG E 180 16.64 16.44 -6.76
CA ARG E 180 17.75 15.96 -7.59
C ARG E 180 19.15 16.14 -6.98
N GLU E 181 19.42 17.31 -6.39
CA GLU E 181 20.77 17.58 -5.90
C GLU E 181 21.16 16.75 -4.73
N THR E 182 20.22 16.62 -3.79
CA THR E 182 20.44 15.80 -2.63
C THR E 182 20.91 14.42 -3.11
N VAL E 183 20.23 13.83 -4.06
CA VAL E 183 20.70 12.51 -4.51
C VAL E 183 22.17 12.58 -4.98
N GLY E 184 22.51 13.55 -5.81
CA GLY E 184 23.84 13.65 -6.40
C GLY E 184 24.92 13.63 -5.37
N ARG E 185 24.68 14.40 -4.32
CA ARG E 185 25.61 14.51 -3.20
C ARG E 185 25.77 13.23 -2.48
N ILE E 186 24.66 12.64 -2.06
CA ILE E 186 24.68 11.42 -1.27
C ILE E 186 25.40 10.37 -2.06
N LEU E 187 25.04 10.29 -3.33
CA LEU E 187 25.61 9.30 -4.22
C LEU E 187 27.12 9.42 -4.22
N LYS E 188 27.61 10.67 -4.16
CA LYS E 188 29.03 11.01 -4.12
C LYS E 188 29.65 10.45 -2.82
N MET E 189 29.08 10.86 -1.68
CA MET E 189 29.48 10.39 -0.36
C MET E 189 29.67 8.85 -0.35
N LEU E 190 28.65 8.11 -0.81
CA LEU E 190 28.69 6.64 -0.88
C LEU E 190 29.82 6.12 -1.72
N GLU E 191 30.17 6.83 -2.77
CA GLU E 191 31.27 6.40 -3.58
C GLU E 191 32.56 6.63 -2.79
N ASP E 192 32.73 7.81 -2.24
CA ASP E 192 33.91 8.08 -1.43
C ASP E 192 34.10 6.96 -0.40
N GLN E 193 33.02 6.44 0.20
CA GLN E 193 33.15 5.36 1.18
C GLN E 193 33.46 4.05 0.51
N ASN E 194 33.31 4.05 -0.81
CA ASN E 194 33.60 2.92 -1.71
C ASN E 194 32.47 1.90 -1.73
N LEU E 195 31.24 2.36 -1.47
CA LEU E 195 30.08 1.47 -1.42
C LEU E 195 29.40 1.28 -2.78
N ILE E 196 29.70 2.10 -3.77
CA ILE E 196 29.10 2.03 -5.12
C ILE E 196 30.04 2.70 -6.12
N SER E 197 29.76 2.63 -7.41
CA SER E 197 30.51 3.41 -8.36
C SER E 197 29.47 3.83 -9.36
N ALA E 198 29.49 5.11 -9.70
CA ALA E 198 28.48 5.69 -10.55
C ALA E 198 29.04 6.46 -11.74
N HIS E 199 28.19 6.79 -12.70
CA HIS E 199 28.58 7.51 -13.93
C HIS E 199 27.41 7.36 -14.94
N GLY E 200 26.17 7.35 -14.44
CA GLY E 200 24.97 7.08 -15.23
C GLY E 200 24.52 5.64 -14.85
N LYS E 201 25.41 4.70 -15.12
CA LYS E 201 25.17 3.36 -14.66
C LYS E 201 25.81 3.33 -13.28
N THR E 202 25.18 2.64 -12.34
CA THR E 202 25.73 2.59 -11.00
C THR E 202 25.99 1.17 -10.64
N ILE E 203 26.96 0.97 -9.76
CA ILE E 203 27.27 -0.36 -9.28
C ILE E 203 27.04 -0.30 -7.80
N VAL E 204 26.27 -1.25 -7.28
CA VAL E 204 26.05 -1.31 -5.85
C VAL E 204 27.01 -2.42 -5.42
N VAL E 205 27.66 -2.20 -4.28
CA VAL E 205 28.69 -3.10 -3.67
C VAL E 205 30.03 -2.74 -4.29
N TYR E 206 30.66 -1.77 -3.65
CA TYR E 206 31.96 -1.20 -4.00
C TYR E 206 32.23 -1.03 -5.50
N GLY E 207 33.38 -0.45 -5.77
CA GLY E 207 33.76 -0.21 -7.14
C GLY E 207 34.21 1.24 -7.23
N PRO F 9 -25.20 -13.72 4.36
CA PRO F 9 -25.25 -14.40 3.05
C PRO F 9 -24.14 -15.46 2.95
N THR F 10 -23.04 -15.08 2.33
CA THR F 10 -21.90 -15.98 2.20
C THR F 10 -21.24 -16.09 3.58
N LEU F 11 -21.13 -14.95 4.26
CA LEU F 11 -20.43 -14.84 5.54
C LEU F 11 -20.80 -15.84 6.62
N GLU F 12 -22.05 -16.29 6.70
CA GLU F 12 -22.43 -17.21 7.77
C GLU F 12 -21.88 -18.59 7.56
N TRP F 13 -21.91 -19.11 6.34
CA TRP F 13 -21.31 -20.43 6.17
C TRP F 13 -19.81 -20.28 6.51
N PHE F 14 -19.24 -19.12 6.16
CA PHE F 14 -17.83 -18.76 6.46
C PHE F 14 -17.64 -18.67 7.96
N LEU F 15 -18.45 -17.80 8.56
CA LEU F 15 -18.32 -17.48 9.95
C LEU F 15 -18.68 -18.65 10.80
N SER F 16 -19.16 -19.72 10.18
CA SER F 16 -19.51 -20.91 10.97
C SER F 16 -18.23 -21.69 11.28
N HIS F 17 -17.43 -21.91 10.25
CA HIS F 17 -16.20 -22.68 10.37
C HIS F 17 -15.08 -22.04 11.21
N CYS F 18 -15.33 -20.90 11.83
CA CYS F 18 -14.25 -20.25 12.59
C CYS F 18 -14.31 -20.42 14.11
N HIS F 19 -13.15 -20.30 14.76
CA HIS F 19 -13.14 -20.31 16.20
C HIS F 19 -13.19 -18.86 16.61
N ILE F 20 -14.11 -18.52 17.48
CA ILE F 20 -14.30 -17.13 17.77
C ILE F 20 -13.66 -16.68 19.08
N HIS F 21 -13.00 -15.49 19.13
CA HIS F 21 -12.40 -15.00 20.39
C HIS F 21 -12.69 -13.54 20.70
N LYS F 22 -12.68 -13.25 21.97
CA LYS F 22 -12.94 -11.93 22.43
C LYS F 22 -11.63 -11.33 23.01
N TYR F 23 -11.07 -10.30 22.37
CA TYR F 23 -9.85 -9.67 22.85
C TYR F 23 -10.19 -8.46 23.66
N PRO F 24 -9.65 -8.33 24.87
CA PRO F 24 -9.85 -7.10 25.66
C PRO F 24 -9.17 -5.94 24.96
N SER F 25 -9.55 -4.72 25.28
CA SER F 25 -8.91 -3.58 24.63
C SER F 25 -7.43 -3.46 25.04
N LYS F 26 -6.63 -3.14 24.04
CA LYS F 26 -5.17 -2.94 24.05
C LYS F 26 -4.43 -4.24 23.86
N SER F 27 -5.14 -5.35 23.66
CA SER F 27 -4.36 -6.56 23.48
C SER F 27 -3.67 -6.62 22.12
N THR F 28 -2.74 -7.53 22.02
CA THR F 28 -1.97 -7.63 20.82
C THR F 28 -2.41 -8.87 20.03
N LEU F 29 -3.26 -8.65 19.01
CA LEU F 29 -3.74 -9.75 18.17
C LEU F 29 -2.66 -10.33 17.34
N ILE F 30 -1.82 -9.47 16.76
CA ILE F 30 -0.75 -9.90 15.85
C ILE F 30 0.61 -9.21 16.15
N HIS F 31 1.72 -9.93 15.93
CA HIS F 31 3.07 -9.40 16.16
C HIS F 31 3.86 -9.35 14.86
N GLN F 32 4.66 -8.31 14.68
CA GLN F 32 5.43 -8.30 13.45
C GLN F 32 6.38 -9.45 13.40
N GLY F 33 6.48 -10.10 12.26
CA GLY F 33 7.44 -11.16 12.07
C GLY F 33 6.99 -12.55 12.43
N GLU F 34 5.93 -12.69 13.23
CA GLU F 34 5.44 -14.01 13.65
C GLU F 34 5.05 -14.72 12.39
N LYS F 35 5.16 -16.05 12.33
CA LYS F 35 4.87 -16.76 11.05
C LYS F 35 3.36 -16.91 10.82
N ALA F 36 2.97 -16.40 9.65
CA ALA F 36 1.58 -16.31 9.26
C ALA F 36 0.91 -17.61 8.93
N GLU F 37 -0.02 -18.05 9.80
CA GLU F 37 -0.78 -19.27 9.58
C GLU F 37 -2.32 -19.08 9.70
N THR F 38 -2.79 -18.06 10.42
CA THR F 38 -4.24 -17.82 10.63
C THR F 38 -4.86 -16.59 9.98
N LEU F 39 -6.05 -16.71 9.36
CA LEU F 39 -6.73 -15.53 8.84
C LEU F 39 -7.64 -15.10 9.97
N TYR F 40 -8.10 -13.85 10.02
CA TYR F 40 -9.03 -13.42 11.08
C TYR F 40 -10.15 -12.64 10.47
N TYR F 41 -11.10 -12.28 11.32
CA TYR F 41 -12.24 -11.52 10.91
C TYR F 41 -12.74 -10.78 12.15
N ILE F 42 -12.97 -9.50 11.96
CA ILE F 42 -13.46 -8.68 13.02
C ILE F 42 -14.97 -8.79 13.05
N VAL F 43 -15.46 -9.54 14.02
CA VAL F 43 -16.87 -9.70 14.17
C VAL F 43 -17.42 -8.57 15.00
N LYS F 44 -16.65 -8.06 15.95
CA LYS F 44 -17.11 -6.90 16.73
C LYS F 44 -15.92 -5.98 17.03
N GLY F 45 -16.15 -4.68 17.08
CA GLY F 45 -15.08 -3.76 17.46
C GLY F 45 -14.12 -3.32 16.35
N SER F 46 -13.00 -2.76 16.83
CA SER F 46 -11.95 -2.13 16.02
C SER F 46 -10.51 -2.37 16.49
N VAL F 47 -9.61 -2.33 15.54
CA VAL F 47 -8.27 -2.68 15.83
C VAL F 47 -7.30 -1.63 15.19
N ALA F 48 -6.01 -1.68 15.51
CA ALA F 48 -5.07 -0.72 14.91
C ALA F 48 -3.90 -1.43 14.28
N VAL F 49 -3.53 -1.03 13.06
CA VAL F 49 -2.37 -1.59 12.36
C VAL F 49 -1.28 -0.53 12.46
N LEU F 50 -0.09 -0.93 12.89
CA LEU F 50 1.05 -0.02 13.10
C LEU F 50 2.34 -0.81 12.96
N ILE F 51 3.39 -0.14 12.50
CA ILE F 51 4.68 -0.80 12.36
C ILE F 51 5.72 -0.13 13.20
N LYS F 52 6.91 -0.74 13.21
CA LYS F 52 7.96 -0.32 14.16
C LYS F 52 9.39 -0.47 13.74
N ASP F 53 10.10 0.62 13.95
CA ASP F 53 11.52 0.82 13.70
C ASP F 53 12.29 0.23 14.89
N GLU F 54 13.40 -0.48 14.61
CA GLU F 54 14.14 -1.16 15.70
C GLU F 54 14.43 -0.28 16.85
N GLU F 55 14.58 1.02 16.65
CA GLU F 55 14.78 1.91 17.78
C GLU F 55 13.42 2.44 18.39
N GLY F 56 12.42 1.54 18.35
CA GLY F 56 11.11 1.64 19.01
C GLY F 56 10.11 2.65 18.38
N LYS F 57 10.38 3.59 17.47
CA LYS F 57 9.26 4.47 17.08
C LYS F 57 8.19 3.73 16.27
N GLU F 58 6.92 4.05 16.51
CA GLU F 58 5.83 3.37 15.79
C GLU F 58 4.88 4.34 15.01
N MET F 59 4.35 3.87 13.88
CA MET F 59 3.42 4.64 13.06
C MET F 59 2.15 3.85 12.74
N ILE F 60 0.98 4.44 13.01
CA ILE F 60 -0.27 3.78 12.68
C ILE F 60 -0.48 3.81 11.14
N LEU F 61 -0.76 2.67 10.55
CA LEU F 61 -1.05 2.59 9.10
C LEU F 61 -2.55 2.64 8.83
N SER F 62 -3.33 2.13 9.77
CA SER F 62 -4.76 2.22 9.58
C SER F 62 -5.52 1.65 10.75
N TYR F 63 -6.77 1.97 10.76
CA TYR F 63 -7.71 1.47 11.71
C TYR F 63 -8.55 0.48 10.90
N LEU F 64 -8.91 -0.62 11.53
CA LEU F 64 -9.70 -1.61 10.86
C LEU F 64 -10.91 -1.71 11.73
N ASN F 65 -11.97 -2.30 11.20
CA ASN F 65 -13.20 -2.39 11.99
C ASN F 65 -13.99 -3.67 11.66
N GLN F 66 -15.17 -3.75 12.27
CA GLN F 66 -16.12 -4.84 12.05
C GLN F 66 -16.40 -4.93 10.60
N GLY F 67 -16.18 -6.13 10.08
CA GLY F 67 -16.45 -6.40 8.69
C GLY F 67 -15.21 -6.72 7.91
N ASP F 68 -14.11 -6.14 8.34
CA ASP F 68 -12.82 -6.29 7.65
C ASP F 68 -12.09 -7.56 8.01
N PHE F 69 -11.36 -8.11 7.06
CA PHE F 69 -10.51 -9.26 7.29
C PHE F 69 -9.18 -8.81 7.86
N ILE F 70 -8.45 -9.71 8.52
CA ILE F 70 -7.15 -9.34 9.09
C ILE F 70 -6.05 -10.38 8.81
N GLY F 71 -4.86 -9.97 8.44
CA GLY F 71 -3.82 -10.97 8.26
C GLY F 71 -4.02 -11.77 7.03
N GLU F 72 -4.41 -11.09 5.96
CA GLU F 72 -4.66 -11.76 4.71
C GLU F 72 -3.46 -11.84 3.83
N LEU F 73 -2.46 -11.00 4.06
CA LEU F 73 -1.31 -10.98 3.14
C LEU F 73 -0.42 -12.21 3.27
N GLY F 74 -0.50 -12.85 4.44
CA GLY F 74 0.28 -14.05 4.68
C GLY F 74 -0.30 -15.18 3.90
N LEU F 75 -1.62 -15.12 3.70
CA LEU F 75 -2.37 -16.16 3.01
C LEU F 75 -1.91 -16.54 1.62
N PHE F 76 -1.33 -15.62 0.84
CA PHE F 76 -1.06 -15.92 -0.58
C PHE F 76 0.30 -16.54 -0.98
N GLU F 77 1.23 -16.87 -0.08
CA GLU F 77 2.49 -17.51 -0.49
C GLU F 77 3.10 -18.50 0.53
N GLU F 78 2.93 -18.23 1.83
CA GLU F 78 3.45 -19.06 2.92
C GLU F 78 4.98 -19.20 2.98
N GLY F 79 5.41 -19.31 4.23
CA GLY F 79 6.80 -19.36 4.61
C GLY F 79 6.93 -18.12 5.45
N GLN F 80 6.36 -17.04 4.89
CA GLN F 80 6.34 -15.65 5.41
C GLN F 80 5.68 -15.36 6.78
N GLU F 81 5.80 -14.09 7.17
CA GLU F 81 5.34 -13.59 8.46
C GLU F 81 4.44 -12.31 8.46
N ARG F 82 3.75 -12.11 9.56
CA ARG F 82 2.86 -10.99 9.76
C ARG F 82 3.64 -9.79 9.32
N SER F 83 3.07 -9.00 8.43
CA SER F 83 3.72 -7.79 7.87
C SER F 83 3.69 -6.58 8.81
N ALA F 84 2.67 -6.49 9.67
CA ALA F 84 2.46 -5.33 10.56
C ALA F 84 2.12 -5.73 11.97
N TRP F 85 1.70 -4.80 12.78
CA TRP F 85 1.27 -5.12 14.11
C TRP F 85 -0.26 -4.88 14.18
N VAL F 86 -1.02 -5.71 14.90
CA VAL F 86 -2.46 -5.44 15.04
C VAL F 86 -2.88 -5.46 16.53
N ARG F 87 -3.08 -4.30 17.17
CA ARG F 87 -3.51 -4.19 18.56
C ARG F 87 -4.99 -3.92 18.58
N ALA F 88 -5.61 -4.21 19.73
CA ALA F 88 -7.02 -4.08 19.94
C ALA F 88 -7.31 -2.69 20.42
N LYS F 89 -7.95 -1.87 19.60
CA LYS F 89 -8.28 -0.49 20.01
C LYS F 89 -9.34 -0.56 21.12
N THR F 90 -10.11 -1.65 21.09
CA THR F 90 -11.20 -1.97 22.05
C THR F 90 -11.59 -3.50 21.99
N ALA F 91 -12.67 -3.88 22.65
CA ALA F 91 -13.06 -5.28 22.64
C ALA F 91 -13.49 -5.76 21.29
N CYS F 92 -13.16 -7.01 21.02
CA CYS F 92 -13.43 -7.55 19.72
C CYS F 92 -13.72 -9.03 19.72
N GLU F 93 -14.57 -9.43 18.81
CA GLU F 93 -14.78 -10.82 18.60
C GLU F 93 -14.25 -11.17 17.29
N VAL F 94 -13.31 -12.09 17.31
CA VAL F 94 -12.55 -12.35 16.15
C VAL F 94 -12.63 -13.77 15.73
N ALA F 95 -13.22 -13.98 14.57
CA ALA F 95 -13.35 -15.34 14.08
C ALA F 95 -11.99 -15.62 13.54
N GLU F 96 -11.46 -16.83 13.79
CA GLU F 96 -10.13 -17.26 13.38
C GLU F 96 -10.25 -18.59 12.69
N ILE F 97 -9.63 -18.70 11.51
CA ILE F 97 -9.64 -19.87 10.61
C ILE F 97 -8.20 -20.07 10.20
N SER F 98 -7.73 -21.31 10.06
CA SER F 98 -6.36 -21.45 9.61
C SER F 98 -6.40 -21.05 8.16
N TYR F 99 -5.25 -20.67 7.66
CA TYR F 99 -5.18 -20.39 6.25
C TYR F 99 -5.78 -21.57 5.51
N LYS F 100 -5.21 -22.74 5.84
CA LYS F 100 -5.55 -24.03 5.27
C LYS F 100 -7.04 -24.34 5.18
N LYS F 101 -7.83 -24.17 6.24
CA LYS F 101 -9.21 -24.47 6.00
C LYS F 101 -9.73 -23.42 5.02
N PHE F 102 -9.31 -22.16 5.16
CA PHE F 102 -9.81 -21.14 4.25
C PHE F 102 -9.38 -21.36 2.81
N ARG F 103 -8.14 -21.75 2.59
CA ARG F 103 -7.69 -22.02 1.23
C ARG F 103 -8.69 -22.97 0.58
N GLN F 104 -9.32 -23.79 1.41
CA GLN F 104 -10.34 -24.74 0.98
C GLN F 104 -11.70 -24.09 0.73
N LEU F 105 -12.26 -23.35 1.70
CA LEU F 105 -13.58 -22.74 1.54
C LEU F 105 -13.69 -21.97 0.27
N ILE F 106 -12.55 -21.49 -0.26
CA ILE F 106 -12.50 -20.78 -1.54
C ILE F 106 -12.80 -21.68 -2.77
N GLN F 107 -12.37 -22.95 -2.70
CA GLN F 107 -12.61 -23.99 -3.73
C GLN F 107 -14.09 -24.39 -3.89
N VAL F 108 -14.85 -24.21 -2.80
CA VAL F 108 -16.29 -24.48 -2.67
C VAL F 108 -17.11 -23.30 -3.17
N ASN F 109 -16.75 -22.12 -2.68
CA ASN F 109 -17.43 -20.88 -3.06
C ASN F 109 -16.41 -19.77 -3.34
N PRO F 110 -16.46 -19.14 -4.53
CA PRO F 110 -15.52 -18.08 -4.92
C PRO F 110 -15.81 -16.73 -4.27
N ASP F 111 -17.02 -16.54 -3.73
CA ASP F 111 -17.40 -15.26 -3.15
C ASP F 111 -16.58 -14.80 -1.94
N ILE F 112 -16.19 -15.68 -1.02
CA ILE F 112 -15.42 -15.13 0.09
C ILE F 112 -14.05 -14.65 -0.42
N LEU F 113 -13.37 -15.38 -1.27
CA LEU F 113 -12.08 -14.86 -1.77
C LEU F 113 -12.21 -13.46 -2.45
N MET F 114 -13.38 -13.15 -2.98
CA MET F 114 -13.58 -11.83 -3.57
C MET F 114 -13.72 -10.88 -2.44
N ARG F 115 -14.64 -11.20 -1.52
CA ARG F 115 -14.87 -10.30 -0.39
C ARG F 115 -13.58 -9.92 0.34
N LEU F 116 -12.55 -10.74 0.17
CA LEU F 116 -11.25 -10.42 0.69
C LEU F 116 -10.64 -9.36 -0.24
N SER F 117 -10.31 -9.81 -1.46
CA SER F 117 -9.71 -8.94 -2.46
C SER F 117 -10.35 -7.55 -2.56
N ALA F 118 -11.66 -7.40 -2.50
CA ALA F 118 -12.16 -6.05 -2.56
C ALA F 118 -11.47 -5.27 -1.45
N GLN F 119 -11.49 -5.89 -0.27
CA GLN F 119 -10.91 -5.30 0.93
C GLN F 119 -9.44 -4.85 0.64
N MET F 120 -8.57 -5.77 0.23
CA MET F 120 -7.20 -5.37 -0.06
C MET F 120 -7.11 -4.29 -1.13
N ALA F 121 -8.09 -4.25 -2.01
CA ALA F 121 -8.12 -3.28 -3.08
C ALA F 121 -8.30 -1.89 -2.54
N ARG F 122 -9.21 -1.67 -1.60
CA ARG F 122 -9.26 -0.30 -1.21
C ARG F 122 -8.11 0.05 -0.33
N ARG F 123 -7.58 -0.94 0.39
CA ARG F 123 -6.42 -0.66 1.24
C ARG F 123 -5.18 -0.37 0.42
N LEU F 124 -5.04 -0.90 -0.79
CA LEU F 124 -3.84 -0.55 -1.53
C LEU F 124 -4.04 0.87 -2.05
N GLN F 125 -5.28 1.35 -2.08
CA GLN F 125 -5.49 2.72 -2.56
C GLN F 125 -5.33 3.70 -1.40
N VAL F 126 -5.96 3.40 -0.28
CA VAL F 126 -5.83 4.27 0.89
C VAL F 126 -4.30 4.44 1.28
N THR F 127 -3.48 3.35 1.19
CA THR F 127 -2.05 3.35 1.53
C THR F 127 -1.17 4.17 0.56
N SER F 128 -1.27 3.92 -0.75
CA SER F 128 -0.59 4.71 -1.73
C SER F 128 -0.84 6.25 -1.50
N GLU F 129 -2.08 6.64 -1.19
CA GLU F 129 -2.35 8.04 -0.90
C GLU F 129 -1.40 8.47 0.21
N LYS F 130 -1.49 7.79 1.34
CA LYS F 130 -0.63 8.01 2.51
C LYS F 130 0.86 8.14 2.08
N VAL F 131 1.37 7.38 1.09
CA VAL F 131 2.74 7.62 0.67
C VAL F 131 2.82 9.06 0.11
N GLY F 132 1.95 9.39 -0.84
CA GLY F 132 1.95 10.71 -1.45
C GLY F 132 1.80 11.87 -0.49
N ASN F 133 1.02 11.73 0.57
CA ASN F 133 0.93 12.79 1.53
C ASN F 133 2.23 12.95 2.31
N LEU F 134 2.89 11.85 2.63
CA LEU F 134 4.12 11.89 3.38
C LEU F 134 5.17 12.57 2.58
N ALA F 135 5.05 12.48 1.27
CA ALA F 135 6.08 13.04 0.41
C ALA F 135 5.80 14.40 -0.26
N PHE F 136 4.55 14.86 -0.28
CA PHE F 136 4.18 16.10 -0.97
C PHE F 136 3.71 17.24 -0.03
N LEU F 137 3.03 16.86 1.04
CA LEU F 137 2.45 17.76 2.02
C LEU F 137 3.37 17.95 3.23
N ASP F 138 3.46 19.15 3.77
CA ASP F 138 4.29 19.32 4.95
C ASP F 138 3.42 18.82 6.10
N VAL F 139 3.91 18.77 7.33
CA VAL F 139 3.06 18.20 8.38
C VAL F 139 1.71 18.88 8.52
N THR F 140 1.71 20.19 8.53
CA THR F 140 0.48 20.92 8.76
C THR F 140 -0.63 20.41 7.87
N GLY F 141 -0.25 20.08 6.64
CA GLY F 141 -1.24 19.61 5.66
C GLY F 141 -1.71 18.21 5.93
N ARG F 142 -0.76 17.33 6.18
CA ARG F 142 -1.13 15.98 6.51
C ARG F 142 -2.12 16.05 7.70
N ILE F 143 -1.85 16.82 8.75
CA ILE F 143 -2.77 16.84 9.86
C ILE F 143 -4.19 17.28 9.47
N ALA F 144 -4.35 18.17 8.50
CA ALA F 144 -5.71 18.58 8.16
C ALA F 144 -6.43 17.47 7.37
N GLN F 145 -5.69 16.65 6.63
CA GLN F 145 -6.31 15.51 5.98
C GLN F 145 -6.70 14.48 7.04
N THR F 146 -5.83 14.28 8.02
CA THR F 146 -6.10 13.36 9.12
C THR F 146 -7.35 13.81 9.89
N LEU F 147 -7.42 15.10 10.27
CA LEU F 147 -8.57 15.64 10.97
C LEU F 147 -9.83 15.58 10.11
N LEU F 148 -9.84 15.54 8.74
CA LEU F 148 -10.95 15.44 7.82
C LEU F 148 -11.34 13.95 7.80
N ASN F 149 -10.49 13.10 7.19
CA ASN F 149 -10.64 11.64 7.10
C ASN F 149 -10.99 10.94 8.43
N LEU F 150 -10.39 11.35 9.54
CA LEU F 150 -10.75 10.74 10.80
C LEU F 150 -12.17 11.08 11.16
N ALA F 151 -12.38 12.39 11.24
CA ALA F 151 -13.64 12.97 11.63
C ALA F 151 -14.74 12.72 10.61
N LYS F 152 -15.06 11.46 10.37
CA LYS F 152 -16.10 11.06 9.42
C LYS F 152 -16.33 9.54 9.57
N GLN F 153 -15.26 8.74 9.44
CA GLN F 153 -15.31 7.28 9.63
C GLN F 153 -16.01 6.95 10.98
N PRO F 154 -16.84 5.88 11.06
CA PRO F 154 -17.64 5.54 12.23
C PRO F 154 -16.90 5.35 13.58
N ASP F 155 -16.94 6.49 14.26
CA ASP F 155 -16.36 6.75 15.59
C ASP F 155 -16.82 8.13 15.99
N ALA F 156 -16.92 8.84 14.88
CA ALA F 156 -17.36 10.21 14.72
C ALA F 156 -18.85 10.23 14.98
N MET F 157 -19.25 11.22 15.77
CA MET F 157 -20.64 11.42 16.07
C MET F 157 -20.99 12.90 15.82
N THR F 158 -22.06 12.98 15.03
CA THR F 158 -22.70 14.14 14.45
C THR F 158 -22.74 15.36 15.34
N HIS F 159 -21.73 16.20 15.20
CA HIS F 159 -21.71 17.44 15.93
C HIS F 159 -22.66 18.36 15.23
N PRO F 160 -23.30 19.27 15.97
CA PRO F 160 -24.14 20.25 15.29
C PRO F 160 -23.47 20.82 14.06
N ASP F 161 -22.37 21.52 14.28
CA ASP F 161 -21.65 22.17 13.19
C ASP F 161 -20.21 21.71 13.06
N GLY F 162 -20.04 20.63 12.28
CA GLY F 162 -18.75 20.01 12.05
C GLY F 162 -18.58 18.85 13.03
N MET F 163 -18.51 17.62 12.53
CA MET F 163 -18.44 16.47 13.43
C MET F 163 -17.38 16.64 14.56
N GLN F 164 -17.44 15.78 15.57
CA GLN F 164 -16.52 15.79 16.72
C GLN F 164 -15.61 14.54 16.67
N ILE F 165 -14.68 14.39 17.58
CA ILE F 165 -13.86 13.17 17.68
C ILE F 165 -12.88 13.16 18.85
N LYS F 166 -12.58 11.96 19.33
CA LYS F 166 -11.63 11.84 20.43
C LYS F 166 -10.29 11.25 19.98
N ILE F 167 -9.26 12.10 19.91
CA ILE F 167 -7.91 11.62 19.55
C ILE F 167 -6.89 12.46 20.33
N THR F 168 -5.77 11.85 20.70
CA THR F 168 -4.72 12.53 21.42
C THR F 168 -3.75 13.11 20.42
N ARG F 169 -3.12 14.25 20.74
CA ARG F 169 -2.10 14.77 19.83
C ARG F 169 -0.99 13.68 19.63
N GLN F 170 -0.82 12.87 20.68
CA GLN F 170 0.10 11.76 20.64
C GLN F 170 -0.25 10.92 19.41
N GLU F 171 -1.52 10.51 19.35
CA GLU F 171 -1.88 9.60 18.28
C GLU F 171 -1.97 10.27 16.94
N ILE F 172 -2.47 11.49 16.89
CA ILE F 172 -2.40 12.15 15.59
C ILE F 172 -0.91 12.08 15.16
N GLY F 173 -0.01 12.29 16.15
CA GLY F 173 1.42 12.21 15.95
C GLY F 173 1.89 10.90 15.27
N GLN F 174 1.20 9.77 15.45
CA GLN F 174 1.69 8.54 14.81
C GLN F 174 1.01 8.15 13.54
N ILE F 175 0.08 8.99 13.08
CA ILE F 175 -0.62 8.80 11.81
C ILE F 175 0.10 9.71 10.82
N VAL F 176 0.17 10.98 11.19
CA VAL F 176 0.83 12.02 10.40
C VAL F 176 2.35 11.84 10.44
N GLY F 177 2.89 11.33 11.55
CA GLY F 177 4.33 11.09 11.61
C GLY F 177 5.18 12.29 11.98
N CYS F 178 4.86 12.84 13.14
CA CYS F 178 5.58 13.95 13.67
C CYS F 178 5.37 13.77 15.17
N SER F 179 5.50 14.77 16.02
CA SER F 179 5.37 14.45 17.45
C SER F 179 4.44 15.38 18.25
N ARG F 180 3.83 14.80 19.29
CA ARG F 180 2.85 15.42 20.18
C ARG F 180 2.95 16.92 20.27
N GLU F 181 4.16 17.46 20.42
CA GLU F 181 4.23 18.89 20.57
C GLU F 181 4.14 19.64 19.23
N THR F 182 4.73 19.11 18.15
CA THR F 182 4.61 19.77 16.84
C THR F 182 3.16 19.61 16.43
N VAL F 183 2.63 18.42 16.67
CA VAL F 183 1.21 18.19 16.45
C VAL F 183 0.49 19.29 17.25
N GLY F 184 1.06 19.56 18.43
CA GLY F 184 0.55 20.58 19.33
C GLY F 184 0.48 21.95 18.66
N ARG F 185 1.51 22.76 18.80
CA ARG F 185 1.48 24.10 18.23
C ARG F 185 0.81 24.22 16.86
N ILE F 186 0.93 23.20 16.01
CA ILE F 186 0.24 23.27 14.72
C ILE F 186 -1.31 23.24 14.89
N LEU F 187 -1.85 22.25 15.60
CA LEU F 187 -3.30 22.06 15.77
C LEU F 187 -3.96 23.37 16.16
N LYS F 188 -3.34 24.01 17.14
CA LYS F 188 -3.80 25.29 17.65
C LYS F 188 -3.86 26.25 16.46
N MET F 189 -2.77 26.36 15.69
CA MET F 189 -2.72 27.22 14.51
C MET F 189 -3.85 26.91 13.51
N LEU F 190 -4.74 26.00 13.89
CA LEU F 190 -5.91 25.62 13.12
C LEU F 190 -7.11 26.22 13.80
N GLU F 191 -7.14 26.11 15.13
CA GLU F 191 -8.21 26.68 15.91
C GLU F 191 -8.19 28.17 15.60
N ASP F 192 -7.00 28.76 15.75
CA ASP F 192 -6.77 30.18 15.44
C ASP F 192 -7.29 30.40 14.02
N GLN F 193 -6.50 29.89 13.07
CA GLN F 193 -6.84 29.99 11.68
C GLN F 193 -8.34 29.75 11.54
N ASN F 194 -8.90 28.99 12.48
CA ASN F 194 -10.34 28.77 12.63
C ASN F 194 -10.92 27.57 11.86
N LEU F 195 -10.23 26.50 11.46
CA LEU F 195 -11.06 25.47 10.81
C LEU F 195 -11.45 24.30 11.78
N ILE F 196 -11.00 24.37 13.03
CA ILE F 196 -11.31 23.36 14.04
C ILE F 196 -11.32 24.02 15.41
N SER F 197 -11.89 23.34 16.41
CA SER F 197 -11.88 23.77 17.81
C SER F 197 -11.50 22.50 18.60
N ALA F 198 -10.73 22.59 19.69
CA ALA F 198 -10.33 21.38 20.44
C ALA F 198 -9.99 21.62 21.91
N HIS F 199 -10.05 20.50 22.65
CA HIS F 199 -9.86 20.41 24.11
C HIS F 199 -10.13 18.87 24.42
N GLY F 200 -9.08 18.03 24.32
CA GLY F 200 -9.16 16.59 24.55
C GLY F 200 -9.87 15.88 23.40
N LYS F 201 -11.04 16.44 23.08
CA LYS F 201 -11.85 16.02 21.95
C LYS F 201 -11.50 17.03 20.82
N THR F 202 -11.80 16.71 19.58
CA THR F 202 -11.51 17.64 18.49
C THR F 202 -12.77 17.88 17.67
N ILE F 203 -13.22 19.13 17.65
CA ILE F 203 -14.41 19.45 16.92
C ILE F 203 -14.08 20.02 15.55
N VAL F 204 -14.28 19.18 14.54
CA VAL F 204 -14.04 19.63 13.19
C VAL F 204 -15.15 20.61 12.89
N VAL F 205 -14.89 21.60 12.05
CA VAL F 205 -15.97 22.48 11.61
C VAL F 205 -15.97 22.30 10.06
P CMP G . -6.03 1.54 -11.32
O1P CMP G . -6.03 2.32 -10.08
O2P CMP G . -7.32 1.34 -12.05
O5' CMP G . -5.07 2.34 -12.32
C5' CMP G . -3.64 2.44 -12.10
C4' CMP G . -3.04 1.10 -11.69
O4' CMP G . -1.79 1.27 -11.00
C3' CMP G . -3.82 0.39 -10.61
O3' CMP G . -5.17 0.21 -11.05
C2' CMP G . -2.84 -0.73 -10.30
C1' CMP G . -1.55 0.12 -10.15
N9 CMP G . -1.19 0.59 -8.80
C8 CMP G . -1.85 1.51 -8.05
N7 CMP G . -1.32 1.73 -6.86
C5 CMP G . -0.22 0.90 -6.83
C6 CMP G . 0.78 0.65 -5.82
N6 CMP G . 0.87 1.34 -4.64
N1 CMP G . 1.70 -0.30 -6.09
C2 CMP G . 1.66 -0.92 -7.28
N3 CMP G . 0.81 -0.75 -8.31
C4 CMP G . -0.12 0.17 -8.02
P CMP H . -0.27 -9.83 8.04
O1P CMP H . 0.76 -9.19 7.15
O2P CMP H . -0.17 -11.30 8.29
O5' CMP H . -0.22 -9.11 9.45
C5' CMP H . -0.42 -7.74 9.56
C4' CMP H . -1.69 -7.40 8.90
O4' CMP H . -1.93 -5.99 8.85
C3' CMP H . -1.83 -7.82 7.46
O3' CMP H . -1.66 -9.25 7.43
C2' CMP H . -3.14 -7.13 7.15
C1' CMP H . -2.80 -5.73 7.74
N9 CMP H . -2.11 -4.71 6.92
C8 CMP H . -0.81 -4.64 6.47
N7 CMP H . -0.50 -3.51 5.87
C5 CMP H . -1.70 -2.81 5.89
C6 CMP H . -2.07 -1.54 5.41
N6 CMP H . -1.26 -0.69 4.80
N1 CMP H . -3.34 -1.16 5.60
C2 CMP H . -4.21 -2.01 6.23
N3 CMP H . -4.00 -3.20 6.69
C4 CMP H . -2.71 -3.56 6.50
#